data_3WGW
#
_entry.id   3WGW
#
_cell.length_a   192.173
_cell.length_b   192.173
_cell.length_c   192.173
_cell.angle_alpha   90.00
_cell.angle_beta   90.00
_cell.angle_gamma   90.00
#
_symmetry.space_group_name_H-M   'P 41 3 2'
#
loop_
_entity.id
_entity.type
_entity.pdbx_description
1 polymer 'Proliferating cell nuclear antigen'
2 non-polymer 4-{4-[(2S)-2-amino-3-hydroxypropyl]-2,6-diiodophenoxy}phenol
3 non-polymer 'SULFATE ION'
4 water water
#
_entity_poly.entity_id   1
_entity_poly.type   'polypeptide(L)'
_entity_poly.pdbx_seq_one_letter_code
;MFEARLVQGSILKKVLEALKDLINEACWDISSSGVNLQSMDSSHVSLVQLTLRSEGFDTYRCDRNLAMGVNLTSMSKILK
CAGNEDIITLRAEDNADTLALVFEAPNQEKVSDYEMKLMDLDVEQLGIPEQEYSCVVKMPSGEFARICRDLSHIGDAVVI
SCAKDGVKFSASGELGNGNIKLSQTSNVDKEEEAVTIEMNEPVQLTFALRYLNFFTKATPLSSTVTLSMSADVPLVVEYK
IADMGHLKYYLAPKIEDEEGS
;
_entity_poly.pdbx_strand_id   A,B
#
# COMPACT_ATOMS: atom_id res chain seq x y z
N MET A 1 -8.22 18.70 -29.52
CA MET A 1 -9.26 17.87 -28.92
C MET A 1 -8.89 16.45 -28.55
N PHE A 2 -9.81 15.85 -27.80
CA PHE A 2 -9.79 14.45 -27.47
C PHE A 2 -10.89 13.81 -28.24
N GLU A 3 -10.56 12.68 -28.86
CA GLU A 3 -11.53 11.92 -29.61
C GLU A 3 -11.12 10.44 -29.67
N ALA A 4 -12.01 9.56 -29.17
CA ALA A 4 -11.79 8.15 -29.15
C ALA A 4 -13.01 7.50 -29.79
N ARG A 5 -12.82 6.89 -30.95
CA ARG A 5 -13.81 6.06 -31.61
C ARG A 5 -13.65 4.60 -31.26
N LEU A 6 -14.73 4.03 -30.75
CA LEU A 6 -14.74 2.64 -30.42
C LEU A 6 -15.79 1.87 -31.23
N VAL A 7 -15.34 0.99 -32.14
CA VAL A 7 -16.34 0.36 -33.00
C VAL A 7 -17.16 -0.63 -32.16
N GLN A 8 -16.48 -1.42 -31.30
CA GLN A 8 -17.23 -2.22 -30.33
C GLN A 8 -17.71 -1.43 -29.09
N GLY A 9 -18.63 -0.49 -29.33
CA GLY A 9 -19.11 0.45 -28.33
C GLY A 9 -19.51 -0.20 -27.03
N SER A 10 -20.04 -1.41 -27.13
CA SER A 10 -20.52 -2.08 -25.94
C SER A 10 -19.44 -2.22 -24.83
N ILE A 11 -18.15 -2.26 -25.22
CA ILE A 11 -17.12 -2.25 -24.22
C ILE A 11 -17.32 -1.11 -23.24
N LEU A 12 -17.67 0.07 -23.76
CA LEU A 12 -17.86 1.20 -22.87
C LEU A 12 -19.08 1.05 -22.02
N LYS A 13 -20.16 0.56 -22.61
CA LYS A 13 -21.40 0.39 -21.83
C LYS A 13 -21.10 -0.49 -20.65
N LYS A 14 -20.46 -1.64 -20.91
CA LYS A 14 -20.05 -2.57 -19.89
C LYS A 14 -19.08 -1.99 -18.88
N VAL A 15 -18.13 -1.16 -19.34
CA VAL A 15 -17.23 -0.58 -18.34
C VAL A 15 -18.08 0.29 -17.41
N LEU A 16 -18.98 1.11 -17.94
CA LEU A 16 -19.77 1.89 -16.99
C LEU A 16 -20.63 1.04 -16.05
N GLU A 17 -21.14 -0.06 -16.57
CA GLU A 17 -22.00 -0.91 -15.77
C GLU A 17 -21.16 -1.45 -14.60
N ALA A 18 -19.87 -1.67 -14.88
CA ALA A 18 -19.02 -2.24 -13.88
C ALA A 18 -18.46 -1.23 -12.89
N LEU A 19 -18.79 0.04 -13.01
CA LEU A 19 -18.29 1.04 -12.08
C LEU A 19 -19.40 1.80 -11.42
N LYS A 20 -20.51 1.99 -12.11
CA LYS A 20 -21.57 2.83 -11.52
C LYS A 20 -21.95 2.42 -10.09
N ASP A 21 -21.95 1.14 -9.69
CA ASP A 21 -22.43 0.88 -8.31
C ASP A 21 -21.40 1.22 -7.25
N LEU A 22 -20.19 1.47 -7.67
CA LEU A 22 -19.05 1.54 -6.78
C LEU A 22 -18.58 2.99 -6.54
N ILE A 23 -18.76 3.85 -7.57
CA ILE A 23 -18.21 5.15 -7.66
C ILE A 23 -19.21 6.11 -8.28
N ASN A 24 -19.46 7.23 -7.62
CA ASN A 24 -20.29 8.29 -8.20
C ASN A 24 -19.59 9.22 -9.14
N GLU A 25 -18.37 9.65 -8.80
CA GLU A 25 -17.61 10.58 -9.64
C GLU A 25 -16.14 10.25 -9.62
N ALA A 26 -15.47 10.43 -10.75
CA ALA A 26 -14.04 10.20 -10.79
C ALA A 26 -13.40 10.96 -11.97
N CYS A 27 -12.08 11.13 -11.92
CA CYS A 27 -11.32 11.60 -13.02
C CYS A 27 -11.07 10.53 -14.05
N TRP A 28 -11.39 10.83 -15.30
CA TRP A 28 -10.88 10.09 -16.43
C TRP A 28 -9.66 10.85 -16.85
N ASP A 29 -8.50 10.24 -16.69
CA ASP A 29 -7.30 10.86 -17.22
C ASP A 29 -6.99 10.50 -18.68
N ILE A 30 -7.05 11.52 -19.52
CA ILE A 30 -6.83 11.31 -20.92
C ILE A 30 -5.41 11.66 -21.31
N SER A 31 -4.76 10.74 -22.00
CA SER A 31 -3.45 11.07 -22.54
C SER A 31 -3.21 10.37 -23.87
N SER A 32 -2.10 10.68 -24.48
CA SER A 32 -1.66 9.99 -25.65
C SER A 32 -1.78 8.50 -25.60
N SER A 33 -1.49 7.91 -24.45
CA SER A 33 -1.32 6.50 -24.43
C SER A 33 -2.67 5.85 -24.06
N GLY A 34 -3.67 6.67 -23.71
CA GLY A 34 -5.02 6.14 -23.57
C GLY A 34 -5.77 6.72 -22.40
N VAL A 35 -6.64 5.93 -21.79
CA VAL A 35 -7.59 6.49 -20.83
C VAL A 35 -7.32 5.78 -19.58
N ASN A 36 -7.27 6.52 -18.49
CA ASN A 36 -6.94 5.95 -17.22
C ASN A 36 -7.84 6.48 -16.11
N LEU A 37 -8.41 5.60 -15.31
CA LEU A 37 -9.16 6.01 -14.15
C LEU A 37 -8.69 5.28 -12.94
N GLN A 38 -8.54 6.00 -11.84
CA GLN A 38 -8.20 5.37 -10.57
C GLN A 38 -9.02 6.04 -9.51
N SER A 39 -9.81 5.30 -8.75
CA SER A 39 -10.60 5.93 -7.75
C SER A 39 -10.98 4.97 -6.64
N MET A 40 -11.25 5.48 -5.47
CA MET A 40 -11.72 4.69 -4.37
C MET A 40 -13.19 4.59 -4.58
N ASP A 41 -13.77 3.51 -4.07
CA ASP A 41 -15.21 3.42 -4.14
C ASP A 41 -15.77 4.48 -3.23
N SER A 42 -17.05 4.73 -3.36
CA SER A 42 -17.66 5.80 -2.60
C SER A 42 -17.70 5.50 -1.12
N SER A 43 -17.42 4.30 -0.65
CA SER A 43 -17.31 4.20 0.80
C SER A 43 -15.87 4.09 1.28
N HIS A 44 -14.90 4.37 0.40
CA HIS A 44 -13.46 4.27 0.79
C HIS A 44 -12.98 2.89 1.15
N VAL A 45 -13.57 1.86 0.54
CA VAL A 45 -13.23 0.50 0.89
C VAL A 45 -12.33 -0.10 -0.19
N SER A 46 -12.81 -0.25 -1.42
CA SER A 46 -11.97 -0.80 -2.46
C SER A 46 -11.42 0.29 -3.36
N LEU A 47 -10.36 -0.05 -4.08
CA LEU A 47 -9.85 0.87 -5.09
C LEU A 47 -10.02 0.27 -6.48
N VAL A 48 -10.50 1.09 -7.41
CA VAL A 48 -10.76 0.64 -8.77
C VAL A 48 -9.76 1.29 -9.69
N GLN A 49 -9.19 0.50 -10.60
CA GLN A 49 -8.27 1.04 -11.61
C GLN A 49 -8.62 0.57 -13.04
N LEU A 50 -8.74 1.52 -13.97
CA LEU A 50 -9.19 1.20 -15.31
C LEU A 50 -8.14 1.62 -16.29
N THR A 51 -7.80 0.72 -17.21
CA THR A 51 -6.92 1.09 -18.34
C THR A 51 -7.56 0.84 -19.71
N LEU A 52 -7.71 1.86 -20.51
CA LEU A 52 -8.14 1.62 -21.88
C LEU A 52 -7.06 2.21 -22.76
N ARG A 53 -6.19 1.38 -23.34
CA ARG A 53 -5.05 1.88 -24.18
C ARG A 53 -5.40 2.43 -25.61
N SER A 54 -4.87 3.59 -26.01
CA SER A 54 -4.93 4.07 -27.45
C SER A 54 -5.26 3.09 -28.56
N GLU A 55 -4.40 2.06 -28.65
CA GLU A 55 -4.30 1.05 -29.69
C GLU A 55 -5.60 0.30 -29.74
N GLY A 56 -6.31 0.32 -28.62
CA GLY A 56 -7.47 -0.43 -28.47
C GLY A 56 -8.56 0.33 -29.13
N PHE A 57 -8.44 1.64 -29.33
CA PHE A 57 -9.49 2.30 -30.06
C PHE A 57 -9.30 2.25 -31.59
N ASP A 58 -10.38 2.24 -32.38
CA ASP A 58 -10.28 2.44 -33.84
C ASP A 58 -9.75 3.76 -34.29
N THR A 59 -10.09 4.86 -33.63
CA THR A 59 -9.30 6.03 -33.86
C THR A 59 -9.12 6.66 -32.50
N TYR A 60 -7.98 7.29 -32.31
CA TYR A 60 -7.68 7.89 -31.05
C TYR A 60 -6.92 9.18 -31.22
N ARG A 61 -7.47 10.28 -30.77
CA ARG A 61 -6.67 11.48 -30.75
C ARG A 61 -6.65 12.13 -29.36
N CYS A 62 -5.49 12.61 -28.97
CA CYS A 62 -5.44 13.39 -27.78
C CYS A 62 -4.42 14.51 -27.96
N ASP A 63 -4.85 15.77 -28.00
CA ASP A 63 -3.84 16.81 -28.28
C ASP A 63 -3.22 17.37 -27.04
N ARG A 64 -3.93 17.33 -25.92
CA ARG A 64 -3.41 17.81 -24.64
C ARG A 64 -3.89 16.80 -23.61
N ASN A 65 -3.09 16.49 -22.62
CA ASN A 65 -3.59 15.61 -21.55
C ASN A 65 -4.77 16.24 -20.80
N LEU A 66 -5.79 15.48 -20.42
CA LEU A 66 -6.96 16.07 -19.75
C LEU A 66 -7.30 15.33 -18.51
N ALA A 67 -7.97 15.99 -17.59
CA ALA A 67 -8.44 15.26 -16.41
C ALA A 67 -9.90 15.62 -16.35
N MET A 68 -10.76 14.77 -16.84
CA MET A 68 -12.17 15.15 -16.89
C MET A 68 -12.89 14.57 -15.65
N GLY A 69 -13.52 15.43 -14.87
CA GLY A 69 -14.28 14.94 -13.74
C GLY A 69 -15.66 14.62 -14.23
N VAL A 70 -15.96 13.33 -14.17
CA VAL A 70 -17.17 12.81 -14.77
C VAL A 70 -18.03 12.29 -13.67
N ASN A 71 -19.31 12.60 -13.73
CA ASN A 71 -20.28 11.95 -12.86
C ASN A 71 -20.66 10.59 -13.48
N LEU A 72 -20.33 9.49 -12.82
CA LEU A 72 -20.46 8.19 -13.45
C LEU A 72 -21.91 7.73 -13.55
N THR A 73 -22.73 8.13 -12.57
CA THR A 73 -24.17 7.92 -12.66
C THR A 73 -24.68 8.54 -13.97
N SER A 74 -24.36 9.82 -14.20
CA SER A 74 -24.69 10.47 -15.45
C SER A 74 -24.15 9.77 -16.69
N MET A 75 -22.85 9.41 -16.71
CA MET A 75 -22.30 8.77 -17.89
C MET A 75 -22.97 7.41 -18.20
N SER A 76 -23.24 6.67 -17.11
CA SER A 76 -23.96 5.42 -17.13
C SER A 76 -25.36 5.57 -17.76
N LYS A 77 -26.16 6.50 -17.25
CA LYS A 77 -27.49 6.78 -17.84
C LYS A 77 -27.41 7.03 -19.35
N ILE A 78 -26.47 7.89 -19.75
CA ILE A 78 -26.28 8.21 -21.13
C ILE A 78 -25.80 6.99 -21.88
N LEU A 79 -24.81 6.25 -21.39
CA LEU A 79 -24.43 5.01 -22.12
C LEU A 79 -25.57 4.00 -22.23
N LYS A 80 -26.56 4.06 -21.36
CA LYS A 80 -27.71 3.17 -21.56
C LYS A 80 -28.54 3.54 -22.81
N CYS A 81 -28.41 4.73 -23.36
CA CYS A 81 -29.09 5.07 -24.61
C CYS A 81 -28.30 4.63 -25.85
N ALA A 82 -27.20 3.90 -25.66
CA ALA A 82 -26.48 3.45 -26.85
C ALA A 82 -26.99 2.09 -27.06
N GLY A 83 -27.22 1.69 -28.32
CA GLY A 83 -27.56 0.29 -28.66
C GLY A 83 -26.32 -0.57 -28.50
N ASN A 84 -26.47 -1.89 -28.34
CA ASN A 84 -25.27 -2.74 -28.21
C ASN A 84 -24.41 -2.86 -29.44
N GLU A 85 -24.98 -2.50 -30.56
CA GLU A 85 -24.33 -2.63 -31.82
C GLU A 85 -23.68 -1.29 -32.19
N ASP A 86 -23.92 -0.23 -31.42
CA ASP A 86 -23.53 1.09 -31.90
C ASP A 86 -22.01 1.34 -31.91
N ILE A 87 -21.55 2.25 -32.78
CA ILE A 87 -20.19 2.78 -32.71
C ILE A 87 -20.23 3.96 -31.80
N ILE A 88 -19.32 4.00 -30.82
CA ILE A 88 -19.36 5.04 -29.82
C ILE A 88 -18.12 5.84 -29.84
N THR A 89 -18.29 7.17 -29.91
CA THR A 89 -17.12 8.03 -29.87
C THR A 89 -17.17 8.94 -28.68
N LEU A 90 -16.05 9.08 -27.96
CA LEU A 90 -15.96 10.06 -26.90
C LEU A 90 -15.30 11.25 -27.50
N ARG A 91 -15.74 12.47 -27.17
CA ARG A 91 -15.06 13.64 -27.78
C ARG A 91 -15.09 14.84 -26.83
N ALA A 92 -13.97 15.53 -26.64
CA ALA A 92 -14.00 16.71 -25.72
C ALA A 92 -13.08 17.78 -26.25
N GLU A 93 -13.50 19.05 -26.21
CA GLU A 93 -12.49 20.10 -26.56
C GLU A 93 -11.41 20.11 -25.42
N ASP A 94 -10.18 20.53 -25.70
CA ASP A 94 -9.18 20.47 -24.65
C ASP A 94 -9.47 21.30 -23.39
N ASN A 95 -10.43 22.23 -23.42
CA ASN A 95 -10.75 22.97 -22.22
C ASN A 95 -11.50 22.14 -21.19
N ALA A 96 -11.89 20.94 -21.65
CA ALA A 96 -12.48 19.93 -20.78
C ALA A 96 -13.76 20.48 -20.11
N ASP A 97 -14.57 21.19 -20.90
CA ASP A 97 -15.74 21.83 -20.32
C ASP A 97 -16.91 20.86 -20.36
N THR A 98 -17.12 20.17 -21.48
CA THR A 98 -18.15 19.16 -21.50
C THR A 98 -17.66 17.87 -22.19
N LEU A 99 -18.31 16.71 -22.04
CA LEU A 99 -17.84 15.53 -22.75
C LEU A 99 -18.97 15.10 -23.65
N ALA A 100 -18.67 14.80 -24.89
CA ALA A 100 -19.70 14.33 -25.81
C ALA A 100 -19.59 12.85 -25.99
N LEU A 101 -20.74 12.19 -26.01
CA LEU A 101 -20.80 10.78 -26.40
C LEU A 101 -21.61 10.69 -27.68
N VAL A 102 -21.02 10.14 -28.72
CA VAL A 102 -21.80 10.04 -29.95
C VAL A 102 -22.01 8.58 -30.30
N PHE A 103 -23.26 8.25 -30.59
CA PHE A 103 -23.66 6.87 -30.88
C PHE A 103 -24.21 6.81 -32.25
N GLU A 104 -23.51 6.12 -33.10
CA GLU A 104 -24.02 5.98 -34.44
C GLU A 104 -24.27 4.52 -34.66
N ALA A 105 -25.51 4.25 -35.00
CA ALA A 105 -25.96 2.91 -35.33
C ALA A 105 -25.33 2.57 -36.68
N PRO A 106 -25.03 1.26 -36.89
CA PRO A 106 -24.32 0.65 -38.04
C PRO A 106 -24.95 0.93 -39.45
N ASN A 107 -26.28 0.74 -39.60
CA ASN A 107 -27.12 1.39 -40.67
C ASN A 107 -27.09 2.95 -40.68
N GLN A 108 -25.99 3.57 -41.16
CA GLN A 108 -25.66 5.00 -40.80
C GLN A 108 -26.76 6.13 -41.02
N GLU A 109 -27.95 5.89 -40.45
CA GLU A 109 -29.17 6.65 -40.71
C GLU A 109 -29.72 7.24 -39.44
N LYS A 110 -29.27 6.73 -38.32
CA LYS A 110 -29.55 7.28 -37.03
C LYS A 110 -28.22 7.62 -36.37
N VAL A 111 -28.11 8.81 -35.75
CA VAL A 111 -26.94 9.22 -34.98
C VAL A 111 -27.44 9.93 -33.73
N SER A 112 -26.94 9.55 -32.57
CA SER A 112 -27.31 10.21 -31.32
C SER A 112 -26.11 10.93 -30.74
N ASP A 113 -26.30 12.14 -30.21
CA ASP A 113 -25.28 12.61 -29.35
C ASP A 113 -25.64 13.25 -28.02
N TYR A 114 -24.89 12.92 -26.98
CA TYR A 114 -25.14 13.52 -25.67
C TYR A 114 -23.93 14.26 -25.20
N GLU A 115 -24.17 15.44 -24.63
CA GLU A 115 -23.15 16.19 -23.97
C GLU A 115 -23.44 16.28 -22.50
N MET A 116 -22.47 15.93 -21.72
CA MET A 116 -22.61 15.86 -20.28
C MET A 116 -21.72 16.95 -19.70
N LYS A 117 -22.19 17.67 -18.66
CA LYS A 117 -21.30 18.69 -18.12
C LYS A 117 -20.19 18.04 -17.27
N LEU A 118 -18.96 18.52 -17.33
CA LEU A 118 -17.88 17.89 -16.55
C LEU A 118 -17.69 18.64 -15.27
N MET A 119 -17.17 18.02 -14.22
CA MET A 119 -16.87 18.75 -12.99
C MET A 119 -15.38 18.89 -12.78
N ASP A 120 -15.01 19.76 -11.83
CA ASP A 120 -13.64 19.82 -11.36
C ASP A 120 -13.68 19.02 -10.05
N LEU A 121 -12.92 17.94 -9.86
CA LEU A 121 -13.00 17.29 -8.54
C LEU A 121 -11.74 17.41 -7.74
N ASP A 122 -11.81 17.56 -6.42
CA ASP A 122 -10.57 17.62 -5.65
C ASP A 122 -10.35 16.21 -5.29
N VAL A 123 -9.45 15.52 -5.93
CA VAL A 123 -9.42 14.15 -5.49
C VAL A 123 -8.19 13.67 -4.76
N GLU A 124 -8.48 13.17 -3.56
CA GLU A 124 -7.61 12.29 -2.76
C GLU A 124 -6.57 11.63 -3.66
N GLN A 125 -5.33 12.04 -3.50
CA GLN A 125 -4.29 11.58 -4.41
C GLN A 125 -3.60 10.30 -3.91
N LEU A 126 -3.74 9.18 -4.63
CA LEU A 126 -3.26 7.90 -4.09
C LEU A 126 -2.31 7.22 -5.02
N GLY A 127 -1.37 6.47 -4.48
CA GLY A 127 -0.45 5.76 -5.36
C GLY A 127 -0.48 4.27 -5.11
N ILE A 128 -0.79 3.51 -6.12
CA ILE A 128 -0.82 2.06 -5.94
C ILE A 128 0.62 1.54 -5.89
N PRO A 129 1.05 0.83 -4.84
CA PRO A 129 2.44 0.35 -4.76
C PRO A 129 2.81 -0.91 -5.62
N GLU A 130 4.10 -1.05 -5.89
CA GLU A 130 4.75 -2.27 -6.32
C GLU A 130 4.36 -3.44 -5.41
N GLN A 131 3.79 -4.53 -5.92
CA GLN A 131 3.46 -5.67 -5.06
C GLN A 131 3.69 -7.03 -5.72
N GLU A 132 4.34 -7.97 -5.04
CA GLU A 132 4.43 -9.39 -5.53
C GLU A 132 3.29 -10.20 -4.97
N TYR A 133 2.83 -11.21 -5.67
CA TYR A 133 1.70 -11.97 -5.12
C TYR A 133 2.09 -13.41 -4.85
N SER A 134 1.87 -14.00 -3.67
CA SER A 134 2.20 -15.45 -3.51
C SER A 134 1.43 -16.30 -4.50
N CYS A 135 0.33 -15.77 -5.02
CA CYS A 135 -0.70 -16.66 -5.53
C CYS A 135 -1.59 -16.01 -6.55
N VAL A 136 -1.78 -16.62 -7.71
CA VAL A 136 -2.61 -15.98 -8.78
C VAL A 136 -3.51 -17.06 -9.31
N VAL A 137 -4.80 -16.88 -9.26
CA VAL A 137 -5.71 -17.94 -9.73
C VAL A 137 -6.40 -17.36 -10.97
N LYS A 138 -6.56 -18.13 -12.03
CA LYS A 138 -7.20 -17.59 -13.21
C LYS A 138 -8.32 -18.52 -13.50
N MET A 139 -9.53 -18.02 -13.61
CA MET A 139 -10.69 -18.91 -13.70
C MET A 139 -11.84 -18.26 -14.47
N PRO A 140 -12.85 -19.04 -14.86
CA PRO A 140 -13.87 -18.38 -15.69
C PRO A 140 -14.60 -17.30 -14.89
N SER A 141 -14.81 -16.14 -15.49
CA SER A 141 -15.40 -15.06 -14.74
C SER A 141 -16.84 -15.39 -14.22
N GLY A 142 -17.59 -16.08 -15.08
CA GLY A 142 -18.91 -16.65 -14.74
C GLY A 142 -18.91 -17.49 -13.48
N GLU A 143 -17.93 -18.41 -13.33
CA GLU A 143 -17.90 -19.23 -12.12
C GLU A 143 -17.66 -18.37 -10.88
N PHE A 144 -16.70 -17.45 -11.01
CA PHE A 144 -16.34 -16.67 -9.88
C PHE A 144 -17.57 -15.88 -9.40
N ALA A 145 -18.33 -15.36 -10.36
CA ALA A 145 -19.50 -14.58 -10.06
C ALA A 145 -20.55 -15.46 -9.38
N ARG A 146 -20.75 -16.68 -9.87
CA ARG A 146 -21.70 -17.61 -9.23
C ARG A 146 -21.26 -18.01 -7.79
N ILE A 147 -19.96 -18.20 -7.58
CA ILE A 147 -19.46 -18.51 -6.28
C ILE A 147 -19.78 -17.35 -5.35
N CYS A 148 -19.58 -16.12 -5.81
CA CYS A 148 -19.76 -15.03 -4.93
C CYS A 148 -21.23 -14.85 -4.65
N ARG A 149 -22.10 -14.96 -5.66
CA ARG A 149 -23.56 -14.85 -5.47
C ARG A 149 -24.00 -15.95 -4.46
N ASP A 150 -23.55 -17.17 -4.69
CA ASP A 150 -23.97 -18.27 -3.89
C ASP A 150 -23.56 -18.15 -2.40
N LEU A 151 -22.26 -18.04 -2.14
CA LEU A 151 -21.83 -17.91 -0.75
C LEU A 151 -22.51 -16.70 -0.08
N SER A 152 -22.94 -15.67 -0.82
CA SER A 152 -23.48 -14.56 -0.07
C SER A 152 -24.83 -14.84 0.54
N HIS A 153 -25.49 -15.88 0.07
CA HIS A 153 -26.65 -16.42 0.73
C HIS A 153 -26.30 -17.15 2.05
N ILE A 154 -25.02 -17.36 2.32
CA ILE A 154 -24.65 -18.13 3.47
C ILE A 154 -24.08 -17.22 4.50
N GLY A 155 -23.24 -16.27 4.12
CA GLY A 155 -22.66 -15.33 5.09
C GLY A 155 -22.19 -14.09 4.38
N ASP A 156 -21.51 -13.20 5.12
CA ASP A 156 -20.95 -11.94 4.68
C ASP A 156 -19.59 -11.99 4.04
N ALA A 157 -18.85 -13.05 4.30
CA ALA A 157 -17.40 -13.03 4.18
C ALA A 157 -17.03 -14.34 3.50
N VAL A 158 -16.11 -14.33 2.57
CA VAL A 158 -15.69 -15.60 2.02
C VAL A 158 -14.23 -15.82 2.40
N VAL A 159 -13.89 -17.03 2.79
CA VAL A 159 -12.51 -17.36 3.06
C VAL A 159 -12.00 -18.06 1.80
N ILE A 160 -10.98 -17.50 1.16
CA ILE A 160 -10.39 -18.07 -0.07
C ILE A 160 -9.11 -18.76 0.33
N SER A 161 -9.05 -20.06 0.04
CA SER A 161 -7.86 -20.86 0.37
C SER A 161 -7.34 -21.46 -0.87
N CYS A 162 -6.06 -21.21 -1.03
CA CYS A 162 -5.42 -21.53 -2.24
C CYS A 162 -4.22 -22.45 -2.05
N ALA A 163 -4.27 -23.58 -2.75
CA ALA A 163 -3.20 -24.61 -2.75
C ALA A 163 -2.70 -24.83 -4.19
N LYS A 164 -1.66 -25.66 -4.36
CA LYS A 164 -1.02 -25.78 -5.67
C LYS A 164 -2.04 -26.32 -6.71
N ASP A 165 -2.92 -27.17 -6.22
CA ASP A 165 -3.77 -27.97 -7.09
C ASP A 165 -5.29 -27.52 -7.11
N GLY A 166 -5.67 -26.68 -6.14
CA GLY A 166 -7.01 -26.17 -6.13
C GLY A 166 -7.32 -25.03 -5.20
N VAL A 167 -8.43 -24.37 -5.47
CA VAL A 167 -8.87 -23.30 -4.61
C VAL A 167 -10.26 -23.60 -3.99
N LYS A 168 -10.46 -23.18 -2.73
CA LYS A 168 -11.70 -23.38 -1.95
C LYS A 168 -12.16 -22.03 -1.43
N PHE A 169 -13.46 -21.78 -1.53
CA PHE A 169 -14.09 -20.55 -1.07
C PHE A 169 -15.14 -21.02 -0.10
N SER A 170 -15.20 -20.47 1.11
CA SER A 170 -16.09 -20.94 2.18
C SER A 170 -16.70 -19.75 2.81
N ALA A 171 -17.89 -19.92 3.36
CA ALA A 171 -18.48 -18.90 4.19
C ALA A 171 -19.34 -19.55 5.24
N SER A 172 -19.72 -18.81 6.27
CA SER A 172 -20.79 -19.33 7.15
C SER A 172 -21.60 -18.31 7.86
N GLY A 173 -22.78 -18.67 8.32
CA GLY A 173 -23.61 -17.70 8.97
C GLY A 173 -24.74 -18.39 9.65
N GLU A 174 -25.81 -17.64 9.84
CA GLU A 174 -26.94 -18.08 10.59
C GLU A 174 -27.34 -19.43 10.05
N LEU A 175 -27.56 -19.57 8.74
CA LEU A 175 -28.16 -20.80 8.33
C LEU A 175 -27.29 -22.12 8.32
N GLY A 176 -25.97 -21.97 8.26
CA GLY A 176 -25.00 -23.07 8.34
C GLY A 176 -23.77 -22.67 7.51
N ASN A 177 -23.07 -23.62 6.92
CA ASN A 177 -22.03 -23.19 6.05
C ASN A 177 -21.92 -23.80 4.72
N GLY A 178 -21.03 -23.21 3.95
CA GLY A 178 -20.85 -23.64 2.61
C GLY A 178 -19.43 -23.51 2.18
N ASN A 179 -19.03 -24.45 1.34
CA ASN A 179 -17.91 -24.22 0.51
C ASN A 179 -17.92 -24.76 -0.89
N ILE A 180 -17.08 -24.17 -1.73
CA ILE A 180 -16.98 -24.62 -3.11
C ILE A 180 -15.52 -24.89 -3.36
N LYS A 181 -15.23 -26.12 -3.77
CA LYS A 181 -13.87 -26.56 -4.11
C LYS A 181 -13.75 -26.55 -5.61
N LEU A 182 -12.71 -25.87 -6.09
CA LEU A 182 -12.43 -25.84 -7.53
C LEU A 182 -11.10 -26.45 -7.70
N SER A 183 -10.99 -27.31 -8.69
CA SER A 183 -9.71 -27.91 -8.97
C SER A 183 -9.00 -27.25 -10.16
N GLN A 184 -7.66 -27.23 -10.13
CA GLN A 184 -6.88 -26.88 -11.31
C GLN A 184 -7.24 -27.76 -12.50
N THR A 185 -7.40 -27.18 -13.68
CA THR A 185 -7.52 -27.90 -14.95
C THR A 185 -6.13 -28.44 -15.26
N GLU A 193 -14.71 -24.67 -18.18
CA GLU A 193 -13.68 -23.69 -18.53
C GLU A 193 -12.42 -23.75 -17.60
N ALA A 194 -11.26 -23.31 -18.11
CA ALA A 194 -9.93 -23.52 -17.46
C ALA A 194 -9.72 -22.86 -16.11
N VAL A 195 -9.15 -23.59 -15.17
CA VAL A 195 -8.77 -23.03 -13.89
C VAL A 195 -7.32 -23.30 -13.66
N THR A 196 -6.56 -22.25 -13.47
CA THR A 196 -5.12 -22.35 -13.42
C THR A 196 -4.57 -21.62 -12.24
N ILE A 197 -3.78 -22.31 -11.44
CA ILE A 197 -3.17 -21.70 -10.28
C ILE A 197 -1.66 -21.56 -10.48
N GLU A 198 -1.08 -20.39 -10.23
CA GLU A 198 0.38 -20.12 -10.13
C GLU A 198 0.62 -19.64 -8.71
N MET A 199 1.27 -20.45 -7.88
CA MET A 199 1.52 -20.06 -6.51
C MET A 199 2.93 -20.43 -6.04
N ASN A 200 3.54 -19.70 -5.11
CA ASN A 200 4.68 -20.23 -4.31
C ASN A 200 4.25 -20.45 -2.89
N GLU A 201 4.05 -19.40 -2.13
CA GLU A 201 3.38 -19.64 -0.84
C GLU A 201 1.85 -20.02 -1.06
N PRO A 202 1.30 -20.95 -0.26
CA PRO A 202 -0.17 -21.08 -0.13
C PRO A 202 -0.72 -19.88 0.59
N VAL A 203 -1.89 -19.39 0.21
CA VAL A 203 -2.54 -18.36 1.00
C VAL A 203 -3.91 -18.75 1.45
N GLN A 204 -4.33 -18.10 2.52
CA GLN A 204 -5.68 -18.18 2.96
C GLN A 204 -6.15 -16.78 3.50
N LEU A 205 -7.02 -16.08 2.77
CA LEU A 205 -7.49 -14.77 3.24
C LEU A 205 -9.00 -14.69 3.22
N THR A 206 -9.57 -13.68 3.89
CA THR A 206 -11.03 -13.52 4.03
C THR A 206 -11.44 -12.15 3.46
N PHE A 207 -12.59 -12.09 2.74
CA PHE A 207 -13.05 -10.86 2.07
C PHE A 207 -14.53 -10.65 2.22
N ALA A 208 -14.95 -9.37 2.27
CA ALA A 208 -16.35 -8.96 2.25
C ALA A 208 -16.98 -9.33 0.89
N LEU A 209 -18.00 -10.20 0.92
CA LEU A 209 -18.70 -10.67 -0.25
C LEU A 209 -19.44 -9.51 -0.94
N ARG A 210 -19.90 -8.55 -0.14
CA ARG A 210 -20.43 -7.29 -0.66
C ARG A 210 -19.52 -6.67 -1.71
N TYR A 211 -18.23 -6.51 -1.40
CA TYR A 211 -17.40 -5.90 -2.44
C TYR A 211 -17.11 -6.81 -3.62
N LEU A 212 -16.81 -8.09 -3.36
CA LEU A 212 -16.62 -9.00 -4.46
C LEU A 212 -17.87 -8.96 -5.38
N ASN A 213 -19.07 -8.99 -4.77
CA ASN A 213 -20.29 -8.89 -5.54
C ASN A 213 -20.34 -7.65 -6.39
N PHE A 214 -19.91 -6.50 -5.90
CA PHE A 214 -19.80 -5.36 -6.79
C PHE A 214 -18.76 -5.61 -7.87
N PHE A 215 -17.64 -6.19 -7.52
CA PHE A 215 -16.59 -6.31 -8.53
C PHE A 215 -17.14 -7.13 -9.71
N THR A 216 -17.96 -8.13 -9.45
CA THR A 216 -18.33 -9.03 -10.52
C THR A 216 -19.36 -8.44 -11.45
N LYS A 217 -19.74 -7.18 -11.20
CA LYS A 217 -20.47 -6.44 -12.21
C LYS A 217 -19.66 -6.27 -13.52
N ALA A 218 -18.33 -6.47 -13.44
CA ALA A 218 -17.40 -6.45 -14.54
C ALA A 218 -17.48 -7.75 -15.37
N THR A 219 -18.24 -8.74 -14.91
CA THR A 219 -18.16 -10.08 -15.56
C THR A 219 -18.31 -10.02 -17.08
N PRO A 220 -19.26 -9.20 -17.58
CA PRO A 220 -19.40 -9.23 -19.04
C PRO A 220 -18.17 -8.72 -19.82
N LEU A 221 -17.21 -8.04 -19.19
CA LEU A 221 -16.04 -7.51 -19.91
C LEU A 221 -15.08 -8.60 -20.41
N SER A 222 -15.13 -9.80 -19.83
CA SER A 222 -14.15 -10.86 -20.09
C SER A 222 -14.67 -12.23 -19.62
N SER A 223 -14.25 -13.27 -20.32
CA SER A 223 -14.72 -14.57 -19.86
C SER A 223 -13.76 -15.23 -18.80
N THR A 224 -12.73 -14.49 -18.42
CA THR A 224 -11.74 -14.90 -17.42
C THR A 224 -11.64 -13.86 -16.38
N VAL A 225 -11.39 -14.25 -15.14
CA VAL A 225 -11.01 -13.32 -14.13
C VAL A 225 -9.75 -13.85 -13.46
N THR A 226 -8.94 -12.94 -12.94
CA THR A 226 -7.69 -13.34 -12.35
C THR A 226 -7.64 -12.84 -10.94
N LEU A 227 -7.38 -13.73 -9.99
CA LEU A 227 -7.33 -13.28 -8.59
C LEU A 227 -5.89 -13.28 -8.16
N SER A 228 -5.40 -12.17 -7.67
CA SER A 228 -4.02 -12.13 -7.19
C SER A 228 -3.95 -11.88 -5.72
N MET A 229 -3.26 -12.76 -5.01
CA MET A 229 -3.30 -12.76 -3.56
C MET A 229 -1.96 -12.90 -2.91
N SER A 230 -1.89 -12.38 -1.71
CA SER A 230 -0.67 -12.56 -0.99
C SER A 230 -1.03 -12.24 0.45
N ALA A 231 -0.49 -12.98 1.39
CA ALA A 231 -0.61 -12.58 2.79
C ALA A 231 -0.44 -11.05 2.97
N ASP A 232 -1.31 -10.48 3.78
CA ASP A 232 -1.19 -9.08 4.26
C ASP A 232 -1.45 -7.92 3.27
N VAL A 233 -1.84 -8.19 2.03
CA VAL A 233 -1.97 -7.11 1.09
C VAL A 233 -3.29 -7.29 0.37
N PRO A 234 -3.79 -6.21 -0.26
CA PRO A 234 -5.10 -6.35 -0.92
C PRO A 234 -5.18 -7.42 -2.03
N LEU A 235 -6.36 -7.98 -2.25
CA LEU A 235 -6.58 -8.93 -3.31
C LEU A 235 -6.76 -8.10 -4.57
N VAL A 236 -6.27 -8.57 -5.70
CA VAL A 236 -6.59 -7.88 -6.94
C VAL A 236 -7.52 -8.73 -7.80
N VAL A 237 -8.71 -8.21 -8.07
CA VAL A 237 -9.62 -8.96 -8.93
C VAL A 237 -9.51 -8.21 -10.23
N GLU A 238 -8.91 -8.87 -11.24
CA GLU A 238 -8.67 -8.29 -12.56
C GLU A 238 -9.46 -8.90 -13.75
N TYR A 239 -10.03 -8.05 -14.60
CA TYR A 239 -10.79 -8.46 -15.81
C TYR A 239 -10.08 -7.83 -16.97
N LYS A 240 -9.55 -8.61 -17.90
CA LYS A 240 -8.84 -8.02 -19.04
C LYS A 240 -9.89 -7.62 -20.06
N ILE A 241 -9.77 -6.45 -20.64
CA ILE A 241 -10.68 -6.00 -21.66
C ILE A 241 -9.91 -6.24 -22.94
N ALA A 242 -10.20 -7.36 -23.61
CA ALA A 242 -9.29 -7.93 -24.62
C ALA A 242 -8.81 -6.87 -25.56
N ASP A 243 -7.47 -6.82 -25.78
CA ASP A 243 -6.83 -5.96 -26.75
C ASP A 243 -6.94 -4.54 -26.41
N MET A 244 -6.91 -4.22 -25.13
CA MET A 244 -7.25 -2.86 -24.79
C MET A 244 -6.84 -2.38 -23.43
N GLY A 245 -7.02 -3.23 -22.42
CA GLY A 245 -6.53 -2.97 -21.10
C GLY A 245 -7.24 -3.84 -20.08
N HIS A 246 -7.55 -3.28 -18.92
CA HIS A 246 -8.08 -4.08 -17.84
C HIS A 246 -8.85 -3.20 -16.98
N LEU A 247 -9.66 -3.86 -16.14
CA LEU A 247 -10.31 -3.21 -15.01
C LEU A 247 -9.89 -4.06 -13.83
N LYS A 248 -9.24 -3.42 -12.85
CA LYS A 248 -8.76 -4.09 -11.66
C LYS A 248 -9.50 -3.55 -10.45
N TYR A 249 -9.90 -4.43 -9.53
CA TYR A 249 -10.42 -3.96 -8.24
C TYR A 249 -9.51 -4.41 -7.12
N TYR A 250 -9.28 -3.57 -6.13
CA TYR A 250 -8.37 -3.94 -5.03
C TYR A 250 -9.08 -3.96 -3.72
N LEU A 251 -8.93 -5.01 -2.92
CA LEU A 251 -9.74 -5.07 -1.72
C LEU A 251 -8.94 -5.70 -0.59
N ALA A 252 -8.95 -5.08 0.57
CA ALA A 252 -8.09 -5.55 1.64
C ALA A 252 -8.68 -6.77 2.31
N PRO A 253 -7.83 -7.71 2.70
CA PRO A 253 -8.46 -8.84 3.41
C PRO A 253 -9.00 -8.32 4.72
N LYS A 254 -10.03 -8.98 5.30
CA LYS A 254 -10.55 -8.64 6.65
C LYS A 254 -9.56 -9.13 7.71
N ILE A 255 -9.34 -8.37 8.78
CA ILE A 255 -9.09 -9.01 10.14
C ILE A 255 -9.57 -8.02 11.16
N MET B 1 28.95 -7.08 -4.72
CA MET B 1 29.56 -6.73 -3.39
C MET B 1 29.19 -5.33 -2.88
N PHE B 2 29.43 -5.13 -1.58
CA PHE B 2 29.35 -3.80 -1.03
C PHE B 2 30.28 -3.54 0.14
N GLU B 3 30.63 -2.27 0.29
CA GLU B 3 31.41 -1.83 1.40
C GLU B 3 30.93 -0.49 1.86
N ALA B 4 30.60 -0.39 3.12
CA ALA B 4 30.22 0.88 3.70
C ALA B 4 31.04 1.20 4.95
N ARG B 5 31.66 2.39 4.97
CA ARG B 5 32.41 2.86 6.09
C ARG B 5 31.59 3.95 6.80
N LEU B 6 31.35 3.78 8.09
CA LEU B 6 30.59 4.73 8.85
C LEU B 6 31.42 5.23 10.02
N VAL B 7 31.93 6.46 9.93
CA VAL B 7 32.80 7.01 10.97
C VAL B 7 32.12 7.12 12.39
N GLN B 8 30.86 7.50 12.39
CA GLN B 8 30.03 7.46 13.57
C GLN B 8 29.30 6.12 13.72
N GLY B 9 30.06 5.06 14.02
CA GLY B 9 29.50 3.71 14.10
C GLY B 9 28.31 3.59 15.06
N SER B 10 28.32 4.41 16.09
CA SER B 10 27.22 4.41 17.01
C SER B 10 25.85 4.53 16.30
N ILE B 11 25.77 5.20 15.13
CA ILE B 11 24.53 5.15 14.36
C ILE B 11 24.09 3.67 14.15
N LEU B 12 25.06 2.80 13.72
CA LEU B 12 24.72 1.41 13.47
C LEU B 12 24.28 0.77 14.71
N LYS B 13 24.92 1.10 15.84
CA LYS B 13 24.54 0.45 17.11
C LYS B 13 23.12 0.77 17.47
N LYS B 14 22.79 2.05 17.34
CA LYS B 14 21.47 2.53 17.74
C LYS B 14 20.42 2.03 16.78
N VAL B 15 20.75 1.94 15.48
CA VAL B 15 19.76 1.40 14.58
C VAL B 15 19.38 -0.03 14.99
N LEU B 16 20.37 -0.85 15.35
CA LEU B 16 20.05 -2.23 15.63
C LEU B 16 19.32 -2.34 16.99
N GLU B 17 19.68 -1.47 17.92
CA GLU B 17 18.93 -1.42 19.19
C GLU B 17 17.43 -1.04 18.89
N ALA B 18 17.21 -0.12 17.93
CA ALA B 18 15.88 0.20 17.52
C ALA B 18 15.10 -0.93 16.86
N LEU B 19 15.79 -1.86 16.22
CA LEU B 19 15.07 -2.86 15.44
C LEU B 19 14.87 -4.19 16.16
N LYS B 20 15.84 -4.57 16.98
CA LYS B 20 15.91 -5.96 17.50
C LYS B 20 14.77 -6.35 18.40
N ASP B 21 14.04 -5.41 19.01
CA ASP B 21 12.96 -5.84 19.90
C ASP B 21 11.69 -6.10 19.12
N LEU B 22 11.67 -5.57 17.90
CA LEU B 22 10.51 -5.58 17.08
C LEU B 22 10.53 -6.69 16.03
N ILE B 23 11.72 -7.10 15.59
CA ILE B 23 11.87 -8.01 14.46
C ILE B 23 13.06 -8.91 14.78
N ASN B 24 13.05 -10.22 14.42
CA ASN B 24 14.26 -11.07 14.64
C ASN B 24 15.14 -11.21 13.46
N GLU B 25 14.53 -11.38 12.30
CA GLU B 25 15.19 -11.58 11.03
C GLU B 25 14.68 -10.52 10.11
N ALA B 26 15.53 -9.95 9.27
CA ALA B 26 15.02 -9.09 8.24
C ALA B 26 15.97 -9.13 7.10
N CYS B 27 15.50 -8.69 5.97
CA CYS B 27 16.35 -8.65 4.86
C CYS B 27 16.86 -7.19 4.66
N TRP B 28 18.19 -7.00 4.54
CA TRP B 28 18.83 -5.71 4.19
C TRP B 28 19.04 -5.62 2.68
N ASP B 29 18.33 -4.72 2.01
CA ASP B 29 18.52 -4.58 0.58
C ASP B 29 19.59 -3.54 0.28
N ILE B 30 20.76 -4.01 -0.13
CA ILE B 30 21.87 -3.09 -0.37
C ILE B 30 21.89 -2.75 -1.86
N SER B 31 22.14 -1.49 -2.19
CA SER B 31 22.20 -1.14 -3.59
C SER B 31 23.16 0.03 -3.72
N SER B 32 23.33 0.58 -4.90
CA SER B 32 24.32 1.63 -4.99
C SER B 32 23.79 2.91 -4.35
N SER B 33 22.49 2.97 -4.17
CA SER B 33 21.96 4.17 -3.59
C SER B 33 21.83 4.08 -2.03
N GLY B 34 22.22 2.95 -1.45
CA GLY B 34 22.12 2.79 -0.04
C GLY B 34 21.51 1.51 0.50
N VAL B 35 21.19 1.54 1.80
CA VAL B 35 20.68 0.41 2.52
C VAL B 35 19.21 0.60 2.76
N ASN B 36 18.47 -0.48 2.70
CA ASN B 36 17.05 -0.39 2.79
C ASN B 36 16.47 -1.58 3.52
N LEU B 37 15.71 -1.38 4.56
CA LEU B 37 15.20 -2.56 5.25
C LEU B 37 13.73 -2.34 5.39
N GLN B 38 12.95 -3.39 5.25
CA GLN B 38 11.51 -3.22 5.43
C GLN B 38 10.86 -4.48 5.91
N SER B 39 10.25 -4.48 7.07
CA SER B 39 9.76 -5.71 7.63
C SER B 39 8.54 -5.46 8.52
N MET B 40 7.64 -6.42 8.56
CA MET B 40 6.51 -6.38 9.45
C MET B 40 7.13 -6.86 10.70
N ASP B 41 6.53 -6.49 11.83
CA ASP B 41 7.07 -6.94 13.08
C ASP B 41 6.71 -8.40 13.10
N SER B 42 7.42 -9.13 13.94
CA SER B 42 7.25 -10.58 14.07
C SER B 42 5.86 -10.95 14.52
N SER B 43 4.81 -10.25 14.09
CA SER B 43 3.42 -10.61 14.48
C SER B 43 2.35 -9.81 13.73
N HIS B 44 2.81 -9.06 12.74
CA HIS B 44 1.96 -8.55 11.65
C HIS B 44 1.08 -7.39 11.97
N VAL B 45 1.50 -6.62 12.95
CA VAL B 45 0.74 -5.45 13.35
C VAL B 45 1.38 -4.16 12.86
N SER B 46 2.71 -4.12 12.89
CA SER B 46 3.45 -2.92 12.58
C SER B 46 4.44 -3.21 11.53
N LEU B 47 4.89 -2.17 10.87
CA LEU B 47 5.80 -2.32 9.79
C LEU B 47 6.94 -1.35 10.03
N VAL B 48 8.19 -1.81 9.91
CA VAL B 48 9.36 -0.95 10.08
C VAL B 48 10.01 -0.64 8.76
N GLN B 49 10.57 0.55 8.63
CA GLN B 49 11.29 0.83 7.42
C GLN B 49 12.49 1.72 7.69
N LEU B 50 13.66 1.19 7.33
CA LEU B 50 14.92 1.82 7.50
C LEU B 50 15.49 2.25 6.15
N THR B 51 15.98 3.48 6.10
CA THR B 51 16.69 3.97 4.95
C THR B 51 18.00 4.54 5.40
N LEU B 52 19.09 4.04 4.82
CA LEU B 52 20.42 4.58 5.06
C LEU B 52 21.00 4.86 3.68
N ARG B 53 20.94 6.11 3.22
CA ARG B 53 21.45 6.51 1.89
C ARG B 53 22.97 6.47 1.75
N SER B 54 23.44 6.13 0.56
CA SER B 54 24.88 6.02 0.35
C SER B 54 25.64 7.27 0.70
N GLU B 55 25.08 8.43 0.36
CA GLU B 55 25.68 9.75 0.67
C GLU B 55 26.08 9.92 2.12
N GLY B 56 25.42 9.23 3.05
CA GLY B 56 25.65 9.53 4.44
C GLY B 56 26.73 8.67 5.08
N PHE B 57 27.33 7.75 4.31
CA PHE B 57 28.56 7.02 4.66
C PHE B 57 29.88 7.74 4.31
N ASP B 58 30.99 7.39 4.91
CA ASP B 58 32.17 8.14 4.56
C ASP B 58 32.80 7.63 3.31
N THR B 59 32.66 6.34 3.06
CA THR B 59 32.88 5.81 1.73
C THR B 59 31.77 4.77 1.62
N TYR B 60 31.22 4.62 0.42
CA TYR B 60 30.18 3.62 0.15
C TYR B 60 30.42 3.02 -1.22
N ARG B 61 30.42 1.69 -1.36
CA ARG B 61 30.54 1.12 -2.67
C ARG B 61 29.56 0.01 -2.81
N CYS B 62 28.79 0.04 -3.87
CA CYS B 62 28.01 -1.15 -4.20
C CYS B 62 27.99 -1.35 -5.69
N ASP B 63 28.41 -2.51 -6.15
CA ASP B 63 28.51 -2.67 -7.57
C ASP B 63 27.59 -3.76 -8.08
N ARG B 64 26.90 -4.47 -7.20
CA ARG B 64 25.85 -5.37 -7.63
C ARG B 64 24.84 -5.43 -6.45
N ASN B 65 23.54 -5.29 -6.70
CA ASN B 65 22.55 -5.34 -5.60
C ASN B 65 22.64 -6.63 -4.80
N LEU B 66 22.52 -6.56 -3.49
CA LEU B 66 22.29 -7.79 -2.76
C LEU B 66 21.27 -7.70 -1.61
N ALA B 67 20.78 -8.88 -1.28
CA ALA B 67 19.72 -8.95 -0.33
C ALA B 67 20.27 -9.85 0.74
N MET B 68 20.59 -9.27 1.88
CA MET B 68 21.30 -9.92 2.96
C MET B 68 20.28 -10.30 4.05
N GLY B 69 20.06 -11.58 4.25
CA GLY B 69 19.25 -11.99 5.38
C GLY B 69 20.05 -11.99 6.68
N VAL B 70 19.56 -11.23 7.64
CA VAL B 70 20.27 -11.05 8.89
C VAL B 70 19.37 -11.45 10.02
N ASN B 71 19.96 -12.20 10.96
CA ASN B 71 19.35 -12.37 12.27
C ASN B 71 19.66 -11.13 13.07
N LEU B 72 18.65 -10.33 13.43
CA LEU B 72 18.95 -9.03 13.99
C LEU B 72 19.44 -9.14 15.41
N THR B 73 19.05 -10.17 16.12
CA THR B 73 19.70 -10.40 17.42
C THR B 73 21.22 -10.65 17.28
N SER B 74 21.59 -11.61 16.44
CA SER B 74 22.96 -11.82 16.11
C SER B 74 23.66 -10.46 15.79
N MET B 75 23.12 -9.67 14.88
CA MET B 75 23.80 -8.45 14.54
C MET B 75 23.92 -7.49 15.74
N SER B 76 22.86 -7.40 16.56
CA SER B 76 22.93 -6.59 17.76
C SER B 76 24.10 -7.07 18.63
N LYS B 77 24.14 -8.36 18.93
CA LYS B 77 25.18 -8.90 19.75
C LYS B 77 26.57 -8.51 19.23
N ILE B 78 26.81 -8.62 17.93
CA ILE B 78 28.09 -8.20 17.36
C ILE B 78 28.33 -6.71 17.48
N LEU B 79 27.36 -5.87 17.16
CA LEU B 79 27.54 -4.42 17.34
C LEU B 79 27.76 -3.96 18.79
N LYS B 80 27.24 -4.70 19.75
CA LYS B 80 27.60 -4.45 21.14
C LYS B 80 29.11 -4.56 21.36
N CYS B 81 29.84 -5.31 20.53
CA CYS B 81 31.32 -5.33 20.67
C CYS B 81 32.01 -4.13 20.04
N ALA B 82 31.24 -3.15 19.54
CA ALA B 82 31.87 -1.94 18.98
C ALA B 82 31.75 -0.87 20.03
N GLY B 83 32.81 -0.10 20.22
CA GLY B 83 32.82 0.98 21.18
C GLY B 83 32.04 2.13 20.54
N ASN B 84 31.49 3.05 21.34
CA ASN B 84 30.70 4.14 20.75
C ASN B 84 31.37 5.09 19.79
N GLU B 85 32.72 5.01 19.73
CA GLU B 85 33.57 6.00 19.08
C GLU B 85 34.12 5.30 17.90
N ASP B 86 33.78 4.03 17.74
CA ASP B 86 34.44 3.23 16.75
C ASP B 86 34.01 3.56 15.34
N ILE B 87 34.95 3.48 14.42
CA ILE B 87 34.63 3.53 13.01
C ILE B 87 34.19 2.14 12.57
N ILE B 88 33.03 2.01 11.93
CA ILE B 88 32.49 0.67 11.63
C ILE B 88 32.45 0.50 10.14
N THR B 89 33.12 -0.53 9.62
CA THR B 89 33.02 -0.76 8.20
C THR B 89 32.22 -2.01 8.02
N LEU B 90 31.28 -2.02 7.09
CA LEU B 90 30.54 -3.27 6.77
C LEU B 90 30.90 -3.67 5.37
N ARG B 91 31.08 -4.96 5.14
CA ARG B 91 31.50 -5.41 3.81
C ARG B 91 30.89 -6.78 3.55
N ALA B 92 30.21 -6.95 2.43
CA ALA B 92 29.78 -8.29 1.97
C ALA B 92 30.34 -8.56 0.58
N GLU B 93 30.83 -9.78 0.34
CA GLU B 93 31.27 -10.19 -0.99
C GLU B 93 30.15 -10.50 -1.96
N ASP B 94 30.49 -10.61 -3.24
CA ASP B 94 29.55 -11.12 -4.24
C ASP B 94 28.93 -12.46 -3.77
N ASN B 95 27.61 -12.56 -3.76
CA ASN B 95 26.96 -13.83 -3.31
C ASN B 95 27.45 -14.21 -1.94
N ALA B 96 27.33 -13.29 -0.99
CA ALA B 96 27.91 -13.45 0.32
C ALA B 96 27.10 -14.46 1.10
N ASP B 97 27.71 -15.37 1.84
CA ASP B 97 26.92 -16.05 2.87
C ASP B 97 27.32 -15.58 4.26
N THR B 98 28.24 -14.62 4.35
CA THR B 98 28.52 -13.95 5.61
C THR B 98 28.74 -12.45 5.40
N LEU B 99 28.58 -11.64 6.46
CA LEU B 99 28.83 -10.20 6.42
C LEU B 99 30.01 -9.88 7.33
N ALA B 100 30.86 -8.95 6.90
CA ALA B 100 32.05 -8.64 7.67
C ALA B 100 31.85 -7.28 8.36
N LEU B 101 32.17 -7.22 9.64
CA LEU B 101 32.01 -5.98 10.34
C LEU B 101 33.39 -5.71 10.94
N VAL B 102 33.95 -4.54 10.69
CA VAL B 102 35.22 -4.13 11.26
C VAL B 102 35.04 -2.91 12.14
N PHE B 103 35.51 -2.98 13.37
CA PHE B 103 35.45 -1.83 14.31
C PHE B 103 36.82 -1.36 14.54
N GLU B 104 37.11 -0.12 14.15
CA GLU B 104 38.45 0.43 14.47
C GLU B 104 38.29 1.52 15.44
N ALA B 105 39.05 1.40 16.51
CA ALA B 105 38.90 2.28 17.64
C ALA B 105 39.59 3.61 17.32
N PRO B 106 39.10 4.72 17.94
CA PRO B 106 39.71 6.05 18.12
C PRO B 106 41.26 6.06 18.22
N ASN B 107 41.79 5.76 19.41
CA ASN B 107 43.23 5.43 19.68
C ASN B 107 43.79 4.36 18.72
N GLN B 108 44.21 4.77 17.53
CA GLN B 108 44.31 3.85 16.39
C GLN B 108 45.10 2.47 16.54
N GLU B 109 44.96 1.76 17.66
CA GLU B 109 45.58 0.40 17.73
C GLU B 109 44.81 -0.74 18.44
N LYS B 110 43.49 -0.60 18.52
CA LYS B 110 42.55 -1.72 18.67
C LYS B 110 41.82 -1.79 17.34
N VAL B 111 41.82 -2.95 16.69
CA VAL B 111 40.93 -3.14 15.52
C VAL B 111 40.22 -4.48 15.67
N SER B 112 38.90 -4.51 15.50
CA SER B 112 38.16 -5.79 15.66
C SER B 112 37.56 -6.23 14.34
N ASP B 113 37.78 -7.50 13.93
CA ASP B 113 37.22 -8.01 12.66
C ASP B 113 36.18 -9.04 13.00
N TYR B 114 34.94 -8.78 12.69
CA TYR B 114 33.91 -9.77 12.99
C TYR B 114 33.28 -10.30 11.72
N GLU B 115 32.86 -11.54 11.75
CA GLU B 115 32.23 -12.12 10.63
C GLU B 115 30.95 -12.81 11.07
N MET B 116 29.83 -12.28 10.61
CA MET B 116 28.48 -12.74 10.95
C MET B 116 27.92 -13.66 9.89
N LYS B 117 27.49 -14.84 10.27
CA LYS B 117 26.84 -15.81 9.35
C LYS B 117 25.48 -15.19 8.81
N LEU B 118 25.13 -15.26 7.53
CA LEU B 118 23.83 -14.71 7.03
C LEU B 118 22.80 -15.79 6.99
N MET B 119 21.55 -15.46 6.72
CA MET B 119 20.48 -16.50 6.62
C MET B 119 19.84 -16.48 5.24
N ASP B 120 19.22 -17.57 4.80
CA ASP B 120 18.33 -17.50 3.62
C ASP B 120 16.99 -16.99 4.10
N LEU B 121 16.47 -15.91 3.52
CA LEU B 121 15.15 -15.50 4.02
C LEU B 121 14.04 -15.58 3.01
N ASP B 122 12.92 -16.13 3.47
CA ASP B 122 11.71 -16.07 2.68
C ASP B 122 11.17 -14.65 2.82
N VAL B 123 11.55 -13.78 1.89
CA VAL B 123 11.42 -12.33 2.13
C VAL B 123 10.04 -11.87 1.67
N GLU B 124 9.01 -11.99 2.52
CA GLU B 124 7.65 -11.56 2.07
C GLU B 124 7.57 -10.03 1.78
N GLN B 125 7.71 -9.57 0.52
CA GLN B 125 7.82 -8.12 0.21
C GLN B 125 6.47 -7.31 0.39
N LEU B 126 6.50 -6.09 0.89
CA LEU B 126 5.20 -5.50 1.22
C LEU B 126 5.02 -4.14 0.66
N GLY B 127 4.23 -3.95 -0.37
CA GLY B 127 4.19 -2.61 -0.98
C GLY B 127 3.43 -1.63 -0.11
N ILE B 128 4.08 -0.55 0.33
CA ILE B 128 3.40 0.41 1.19
C ILE B 128 2.50 1.39 0.44
N PRO B 129 1.22 1.47 0.78
CA PRO B 129 0.36 2.51 0.10
C PRO B 129 0.93 3.96 0.21
N GLU B 130 0.80 4.78 -0.85
CA GLU B 130 1.23 6.18 -0.80
C GLU B 130 0.07 7.14 -0.67
N GLN B 131 -0.11 7.73 0.52
CA GLN B 131 -1.19 8.66 0.91
C GLN B 131 -0.67 10.00 1.46
N GLU B 132 -1.43 11.10 1.28
CA GLU B 132 -1.20 12.39 1.95
C GLU B 132 -1.53 12.22 3.39
N TYR B 133 -0.77 12.86 4.25
CA TYR B 133 -1.14 12.80 5.64
C TYR B 133 -1.71 14.16 6.04
N SER B 134 -2.87 14.18 6.67
CA SER B 134 -3.56 15.40 6.99
C SER B 134 -3.13 16.02 8.33
N CYS B 135 -1.98 15.59 8.85
CA CYS B 135 -1.52 15.83 10.23
C CYS B 135 -0.11 15.33 10.58
N VAL B 136 0.80 16.27 10.80
CA VAL B 136 2.16 15.92 11.05
C VAL B 136 2.55 16.67 12.31
N VAL B 137 2.79 15.94 13.42
CA VAL B 137 3.28 16.58 14.66
C VAL B 137 4.76 16.30 14.73
N LYS B 138 5.54 17.34 14.93
CA LYS B 138 6.99 17.22 15.12
C LYS B 138 7.26 17.65 16.56
N MET B 139 7.93 16.80 17.32
CA MET B 139 8.11 17.04 18.76
C MET B 139 9.36 16.35 19.32
N PRO B 140 9.82 16.77 20.49
CA PRO B 140 11.05 16.16 21.00
C PRO B 140 10.90 14.67 21.23
N SER B 141 11.88 13.89 20.84
CA SER B 141 11.73 12.44 20.93
C SER B 141 11.69 11.95 22.36
N GLY B 142 12.50 12.58 23.23
CA GLY B 142 12.46 12.33 24.65
C GLY B 142 11.10 12.48 25.27
N GLU B 143 10.43 13.63 24.98
CA GLU B 143 9.06 13.94 25.42
C GLU B 143 8.16 12.81 24.92
N PHE B 144 8.26 12.42 23.64
CA PHE B 144 7.35 11.42 23.14
C PHE B 144 7.57 10.10 23.89
N ALA B 145 8.82 9.72 24.08
CA ALA B 145 9.08 8.52 24.84
C ALA B 145 8.52 8.56 26.28
N ARG B 146 8.73 9.66 26.99
CA ARG B 146 8.27 9.75 28.37
C ARG B 146 6.70 9.61 28.43
N ILE B 147 5.99 10.28 27.51
CA ILE B 147 4.56 10.16 27.41
C ILE B 147 4.10 8.70 27.25
N CYS B 148 4.68 7.97 26.29
CA CYS B 148 4.29 6.60 26.03
C CYS B 148 4.58 5.72 27.18
N ARG B 149 5.75 5.90 27.81
CA ARG B 149 6.06 5.18 29.04
C ARG B 149 5.03 5.43 30.20
N ASP B 150 4.83 6.70 30.58
CA ASP B 150 3.93 7.01 31.68
C ASP B 150 2.53 6.44 31.43
N LEU B 151 1.97 6.75 30.27
CA LEU B 151 0.59 6.34 29.96
C LEU B 151 0.47 4.87 29.96
N SER B 152 1.55 4.21 29.59
CA SER B 152 1.40 2.78 29.58
C SER B 152 1.25 2.21 30.98
N HIS B 153 1.51 2.97 32.03
CA HIS B 153 1.19 2.50 33.37
C HIS B 153 -0.26 2.77 33.71
N ILE B 154 -1.04 3.36 32.80
CA ILE B 154 -2.37 3.81 33.14
C ILE B 154 -3.32 2.99 32.33
N GLY B 155 -2.89 2.59 31.14
CA GLY B 155 -3.65 1.62 30.39
C GLY B 155 -2.91 1.10 29.18
N ASP B 156 -3.63 0.45 28.26
CA ASP B 156 -3.01 -0.27 27.15
C ASP B 156 -2.94 0.48 25.88
N ALA B 157 -3.72 1.53 25.77
CA ALA B 157 -3.94 2.12 24.49
C ALA B 157 -3.92 3.61 24.69
N VAL B 158 -3.38 4.37 23.75
CA VAL B 158 -3.30 5.78 23.96
C VAL B 158 -4.17 6.38 22.90
N VAL B 159 -4.86 7.47 23.21
CA VAL B 159 -5.72 8.07 22.20
C VAL B 159 -5.02 9.33 21.90
N ILE B 160 -4.57 9.50 20.64
CA ILE B 160 -3.83 10.69 20.26
C ILE B 160 -4.75 11.63 19.54
N SER B 161 -4.83 12.87 19.99
CA SER B 161 -5.78 13.86 19.43
C SER B 161 -5.01 15.06 19.08
N CYS B 162 -5.30 15.54 17.90
CA CYS B 162 -4.48 16.53 17.33
C CYS B 162 -5.35 17.61 16.79
N ALA B 163 -5.05 18.85 17.17
CA ALA B 163 -5.78 20.06 16.73
C ALA B 163 -4.75 21.17 16.50
N LYS B 164 -5.19 22.30 15.96
CA LYS B 164 -4.21 23.29 15.50
C LYS B 164 -3.30 23.80 16.62
N ASP B 165 -3.85 23.84 17.82
CA ASP B 165 -3.24 24.52 18.95
C ASP B 165 -2.39 23.56 19.82
N GLY B 166 -2.54 22.24 19.60
CA GLY B 166 -1.73 21.28 20.32
C GLY B 166 -2.09 19.81 20.16
N VAL B 167 -1.30 18.95 20.80
CA VAL B 167 -1.49 17.49 20.69
C VAL B 167 -1.73 16.86 22.05
N LYS B 168 -2.63 15.91 22.13
CA LYS B 168 -3.02 15.41 23.43
C LYS B 168 -3.01 13.92 23.38
N PHE B 169 -2.53 13.27 24.45
CA PHE B 169 -2.48 11.79 24.57
C PHE B 169 -3.30 11.31 25.81
N SER B 170 -4.22 10.36 25.68
CA SER B 170 -5.03 9.91 26.86
C SER B 170 -5.01 8.41 26.94
N ALA B 171 -5.04 7.88 28.16
CA ALA B 171 -5.27 6.48 28.35
C ALA B 171 -6.19 6.34 29.57
N SER B 172 -6.81 5.16 29.71
CA SER B 172 -7.39 4.75 31.00
C SER B 172 -7.41 3.27 31.21
N GLY B 173 -7.59 2.88 32.46
CA GLY B 173 -7.47 1.54 32.92
C GLY B 173 -8.05 1.50 34.32
N GLU B 174 -7.61 0.52 35.10
CA GLU B 174 -8.23 0.30 36.41
C GLU B 174 -7.90 1.39 37.44
N LEU B 175 -6.67 1.95 37.39
CA LEU B 175 -6.24 3.09 38.27
C LEU B 175 -7.18 4.31 38.17
N GLY B 176 -7.56 4.61 36.92
CA GLY B 176 -8.23 5.84 36.51
C GLY B 176 -7.76 6.25 35.14
N ASN B 177 -7.73 7.52 34.88
CA ASN B 177 -7.30 7.91 33.55
C ASN B 177 -6.39 9.11 33.61
N GLY B 178 -5.77 9.38 32.48
CA GLY B 178 -4.87 10.48 32.35
C GLY B 178 -4.87 11.10 31.00
N ASN B 179 -4.68 12.41 30.94
CA ASN B 179 -4.23 12.93 29.66
C ASN B 179 -3.17 13.94 29.73
N ILE B 180 -2.32 13.92 28.73
CA ILE B 180 -1.22 14.84 28.65
C ILE B 180 -1.40 15.70 27.40
N LYS B 181 -1.27 17.00 27.57
CA LYS B 181 -1.41 17.92 26.46
C LYS B 181 -0.13 18.66 26.25
N LEU B 182 0.40 18.56 25.03
CA LEU B 182 1.55 19.38 24.61
C LEU B 182 0.95 20.47 23.80
N SER B 183 1.03 21.71 24.25
CA SER B 183 0.54 22.74 23.35
C SER B 183 1.65 23.22 22.32
N GLN B 184 1.25 23.91 21.25
CA GLN B 184 2.21 24.37 20.22
C GLN B 184 3.10 25.48 20.69
N THR B 185 4.28 25.53 20.09
CA THR B 185 5.42 26.33 20.51
C THR B 185 5.57 27.70 19.81
N SER B 186 6.28 28.64 20.46
CA SER B 186 6.77 29.94 19.89
C SER B 186 7.86 30.61 20.76
N GLU B 193 13.85 24.03 22.19
CA GLU B 193 13.34 22.91 21.41
C GLU B 193 11.85 22.36 21.65
N ALA B 194 11.18 22.12 20.51
CA ALA B 194 9.81 22.57 20.22
C ALA B 194 8.81 21.53 19.76
N VAL B 195 7.53 21.92 19.81
CA VAL B 195 6.40 21.18 19.25
C VAL B 195 5.69 21.93 18.12
N THR B 196 5.54 21.31 16.97
CA THR B 196 5.05 21.97 15.79
C THR B 196 3.98 21.15 15.17
N ILE B 197 2.88 21.77 14.80
CA ILE B 197 1.81 21.04 14.13
C ILE B 197 1.53 21.60 12.76
N GLU B 198 1.37 20.73 11.76
CA GLU B 198 0.84 21.12 10.43
C GLU B 198 -0.37 20.29 10.13
N MET B 199 -1.56 20.88 10.05
CA MET B 199 -2.68 20.01 9.77
C MET B 199 -3.84 20.63 9.07
N ASN B 200 -4.82 19.81 8.69
CA ASN B 200 -6.05 20.34 8.17
C ASN B 200 -7.09 20.02 9.22
N GLU B 201 -7.92 19.02 8.92
CA GLU B 201 -8.94 18.54 9.86
C GLU B 201 -8.33 17.85 11.15
N PRO B 202 -8.93 18.09 12.33
CA PRO B 202 -8.51 17.49 13.61
C PRO B 202 -8.57 15.98 13.54
N VAL B 203 -7.63 15.30 14.17
CA VAL B 203 -7.59 13.84 14.03
C VAL B 203 -7.54 13.27 15.40
N GLN B 204 -8.22 12.15 15.56
CA GLN B 204 -8.19 11.49 16.80
C GLN B 204 -8.17 10.00 16.63
N LEU B 205 -7.04 9.38 16.95
CA LEU B 205 -6.91 7.94 16.77
C LEU B 205 -6.41 7.25 18.01
N THR B 206 -6.66 5.95 18.12
CA THR B 206 -6.24 5.16 19.29
C THR B 206 -5.13 4.17 18.90
N PHE B 207 -4.07 4.01 19.71
CA PHE B 207 -3.02 3.01 19.38
C PHE B 207 -2.59 2.17 20.53
N ALA B 208 -1.93 1.08 20.22
CA ALA B 208 -1.53 0.14 21.23
C ALA B 208 -0.18 0.62 21.84
N LEU B 209 -0.13 0.84 23.16
CA LEU B 209 1.10 1.41 23.73
C LEU B 209 2.28 0.49 23.64
N ARG B 210 2.01 -0.82 23.60
CA ARG B 210 3.09 -1.77 23.58
C ARG B 210 3.94 -1.56 22.33
N TYR B 211 3.31 -1.21 21.21
CA TYR B 211 4.05 -0.93 20.00
C TYR B 211 4.70 0.42 19.97
N LEU B 212 3.99 1.46 20.42
CA LEU B 212 4.65 2.74 20.60
C LEU B 212 5.89 2.57 21.51
N ASN B 213 5.77 1.78 22.57
CA ASN B 213 6.91 1.66 23.44
C ASN B 213 8.05 0.93 22.75
N PHE B 214 7.78 0.11 21.74
CA PHE B 214 8.87 -0.45 20.95
C PHE B 214 9.52 0.60 20.04
N PHE B 215 8.68 1.42 19.40
CA PHE B 215 9.17 2.38 18.46
C PHE B 215 10.10 3.35 19.19
N THR B 216 9.83 3.58 20.45
CA THR B 216 10.62 4.57 21.05
C THR B 216 12.00 4.10 21.41
N LYS B 217 12.38 2.85 21.14
CA LYS B 217 13.78 2.46 21.35
C LYS B 217 14.68 3.15 20.28
N ALA B 218 14.03 3.74 19.28
CA ALA B 218 14.70 4.57 18.32
C ALA B 218 15.17 5.95 18.87
N THR B 219 14.68 6.37 20.03
CA THR B 219 14.96 7.73 20.51
C THR B 219 16.44 8.17 20.43
N PRO B 220 17.38 7.29 20.78
CA PRO B 220 18.75 7.79 20.73
C PRO B 220 19.19 8.29 19.34
N LEU B 221 18.54 7.83 18.27
CA LEU B 221 18.87 8.23 16.89
C LEU B 221 18.60 9.68 16.58
N SER B 222 17.77 10.32 17.37
CA SER B 222 17.34 11.67 17.02
C SER B 222 16.68 12.44 18.16
N SER B 223 16.88 13.74 18.18
CA SER B 223 16.29 14.39 19.33
C SER B 223 14.85 14.77 19.01
N THR B 224 14.45 14.58 17.75
CA THR B 224 13.11 14.88 17.31
C THR B 224 12.41 13.67 16.80
N VAL B 225 11.11 13.60 17.01
CA VAL B 225 10.28 12.59 16.39
C VAL B 225 9.10 13.23 15.68
N THR B 226 8.58 12.51 14.69
CA THR B 226 7.54 13.01 13.83
C THR B 226 6.35 12.04 13.85
N LEU B 227 5.16 12.54 14.17
CA LEU B 227 4.00 11.68 14.14
C LEU B 227 3.16 12.13 12.96
N SER B 228 2.82 11.22 12.08
CA SER B 228 1.97 11.57 10.95
C SER B 228 0.75 10.75 11.00
N MET B 229 -0.45 11.38 10.93
CA MET B 229 -1.73 10.63 10.86
C MET B 229 -2.78 11.28 9.98
N SER B 230 -3.74 10.45 9.54
CA SER B 230 -4.99 10.81 8.83
C SER B 230 -5.92 9.72 9.30
N ALA B 231 -7.24 9.81 9.12
CA ALA B 231 -8.06 8.69 9.69
C ALA B 231 -8.06 7.39 8.88
N ASP B 232 -8.36 6.29 9.62
CA ASP B 232 -8.35 4.83 9.15
C ASP B 232 -6.97 4.20 8.88
N VAL B 233 -6.01 5.11 8.74
CA VAL B 233 -4.73 4.98 8.10
C VAL B 233 -3.65 4.94 9.18
N PRO B 234 -2.71 3.98 9.04
CA PRO B 234 -1.78 3.72 10.13
C PRO B 234 -0.92 4.94 10.46
N LEU B 235 -0.57 5.12 11.74
CA LEU B 235 0.31 6.19 12.21
C LEU B 235 1.70 5.93 11.69
N VAL B 236 2.35 6.99 11.24
CA VAL B 236 3.78 6.87 10.97
C VAL B 236 4.54 7.57 12.04
N VAL B 237 5.43 6.83 12.71
CA VAL B 237 6.36 7.38 13.73
C VAL B 237 7.76 7.45 13.13
N GLU B 238 8.34 8.65 13.07
CA GLU B 238 9.59 8.79 12.32
C GLU B 238 10.79 9.47 13.02
N TYR B 239 11.96 8.85 12.92
CA TYR B 239 13.17 9.40 13.45
C TYR B 239 14.14 9.65 12.29
N LYS B 240 14.55 10.91 12.06
CA LYS B 240 15.58 11.22 11.07
C LYS B 240 16.89 10.73 11.65
N ILE B 241 17.71 10.06 10.85
CA ILE B 241 19.06 9.65 11.24
C ILE B 241 19.86 10.68 10.47
N ALA B 242 20.29 11.78 11.09
CA ALA B 242 20.47 13.06 10.39
C ALA B 242 21.52 12.94 9.32
N ASP B 243 21.35 13.68 8.23
CA ASP B 243 22.21 13.62 7.02
C ASP B 243 22.44 12.21 6.62
N MET B 244 21.43 11.36 6.56
CA MET B 244 21.66 9.96 6.25
C MET B 244 20.45 9.14 5.86
N GLY B 245 19.34 9.29 6.58
CA GLY B 245 18.10 8.56 6.28
C GLY B 245 17.15 8.59 7.46
N HIS B 246 16.48 7.50 7.71
CA HIS B 246 15.42 7.59 8.70
C HIS B 246 15.02 6.23 9.08
N LEU B 247 14.30 6.16 10.19
CA LEU B 247 13.69 4.91 10.63
C LEU B 247 12.23 5.26 10.81
N LYS B 248 11.34 4.59 10.08
CA LYS B 248 9.92 4.89 10.17
C LYS B 248 9.20 3.70 10.73
N TYR B 249 8.23 3.90 11.61
CA TYR B 249 7.42 2.77 12.04
C TYR B 249 5.96 2.98 11.68
N TYR B 250 5.31 1.96 11.13
CA TYR B 250 3.93 2.18 10.81
C TYR B 250 3.08 1.35 11.77
N LEU B 251 2.01 1.92 12.31
CA LEU B 251 1.19 1.15 13.22
C LEU B 251 -0.24 1.46 12.93
N ALA B 252 -1.01 0.40 12.78
CA ALA B 252 -2.47 0.49 12.48
C ALA B 252 -3.24 1.07 13.68
N PRO B 253 -4.22 1.99 13.51
CA PRO B 253 -5.07 2.41 14.67
C PRO B 253 -5.84 1.23 15.24
N LYS B 254 -6.11 1.17 16.54
CA LYS B 254 -7.02 0.16 17.12
C LYS B 254 -8.47 0.45 16.64
N ILE B 255 -9.35 -0.58 16.64
CA ILE B 255 -10.88 -0.45 16.73
C ILE B 255 -11.55 -1.82 16.69
#